data_6ZSU
#
_entry.id   6ZSU
#
_cell.length_a   70.400
_cell.length_b   75.340
_cell.length_c   112.440
_cell.angle_alpha   90.000
_cell.angle_beta   90.000
_cell.angle_gamma   90.000
#
_symmetry.space_group_name_H-M   'P 21 21 21'
#
loop_
_entity.id
_entity.type
_entity.pdbx_description
1 polymer CgnE
2 water water
#
_entity_poly.entity_id   1
_entity_poly.type   'polypeptide(L)'
_entity_poly.pdbx_seq_one_letter_code
;G(MSE)GGRRTIGIRSGEGAI(MSE)NASDFYALLRGRG(MSE)PVVVDDAEAAAVVSELGFRTVPFEAFDFDSPSEDPA
LVIVAQ(MSE)GNVDALHGLWERSGTPL(MSE)HLALAKFDGGLSRLRAGLARVLAVDTDAALKRRAEAYEQLFSSASVE
IASGEGVLRCHIGDEVEVGNCGDTLEQGFLYSVAEFLEASVVNLEGERSTFWVEGELPFDGFIHLSNSAALKERWGG
(MSE)LDEF(MSE)RRSREGANLVRFADNVIDRLVVGGVDVTSALAGLSQGEERG(MSE)AATEFGLGCADAEAAEPFGV
NSLLHKSAGGAYIGIGKGLRIPHIDFIARGATIRFIPAAEG
;
_entity_poly.pdbx_strand_id   A,B
#
# COMPACT_ATOMS: atom_id res chain seq x y z
N ASN A 19 -24.03 -0.46 3.49
CA ASN A 19 -24.12 -0.55 2.04
C ASN A 19 -23.69 0.75 1.35
N ALA A 20 -23.20 0.61 0.12
CA ALA A 20 -22.92 1.79 -0.68
C ALA A 20 -24.20 2.58 -0.94
N SER A 21 -25.30 1.89 -1.23
CA SER A 21 -26.56 2.58 -1.51
C SER A 21 -26.98 3.48 -0.35
N ASP A 22 -26.83 2.99 0.89
CA ASP A 22 -27.18 3.83 2.03
C ASP A 22 -26.19 4.99 2.19
N PHE A 23 -24.92 4.75 1.86
CA PHE A 23 -23.93 5.82 1.93
C PHE A 23 -24.33 6.97 1.01
N TYR A 24 -24.62 6.65 -0.26
CA TYR A 24 -25.02 7.68 -1.22
C TYR A 24 -26.30 8.36 -0.79
N ALA A 25 -27.24 7.61 -0.18
CA ALA A 25 -28.47 8.23 0.32
C ALA A 25 -28.17 9.20 1.47
N LEU A 26 -27.35 8.78 2.41
CA LEU A 26 -26.97 9.71 3.47
C LEU A 26 -26.27 10.94 2.91
N LEU A 27 -25.42 10.75 1.88
CA LEU A 27 -24.73 11.89 1.27
C LEU A 27 -25.72 12.87 0.65
N ARG A 28 -26.68 12.36 -0.13
CA ARG A 28 -27.68 13.23 -0.75
C ARG A 28 -28.56 13.94 0.28
N GLY A 29 -28.78 13.33 1.43
CA GLY A 29 -29.51 13.95 2.51
C GLY A 29 -28.67 14.82 3.41
N ARG A 30 -27.44 15.12 3.02
CA ARG A 30 -26.52 15.88 3.86
C ARG A 30 -26.42 15.28 5.25
N GLY A 31 -26.37 13.95 5.31
CA GLY A 31 -26.47 13.25 6.58
C GLY A 31 -25.14 12.77 7.12
N PRO A 33 -20.74 14.18 7.65
CA PRO A 33 -19.73 15.22 7.46
C PRO A 33 -18.92 14.98 6.20
N VAL A 34 -18.37 16.06 5.68
CA VAL A 34 -17.49 16.05 4.51
C VAL A 34 -16.14 16.56 4.96
N VAL A 35 -15.15 15.70 4.93
CA VAL A 35 -13.80 16.04 5.33
C VAL A 35 -13.09 16.66 4.12
N VAL A 36 -12.56 17.86 4.31
CA VAL A 36 -11.95 18.63 3.22
C VAL A 36 -10.57 19.10 3.63
N ASP A 37 -9.65 19.17 2.67
CA ASP A 37 -8.27 19.59 2.94
C ASP A 37 -7.94 20.97 2.34
N ASP A 38 -8.94 21.80 2.10
CA ASP A 38 -8.72 23.11 1.50
C ASP A 38 -9.88 24.01 1.88
N ALA A 39 -9.57 25.24 2.29
CA ALA A 39 -10.58 26.14 2.82
C ALA A 39 -11.55 26.61 1.73
N GLU A 40 -11.05 26.85 0.51
CA GLU A 40 -11.94 27.28 -0.56
C GLU A 40 -12.88 26.16 -0.96
N ALA A 41 -12.37 24.93 -1.07
CA ALA A 41 -13.24 23.79 -1.31
C ALA A 41 -14.24 23.63 -0.17
N ALA A 42 -13.80 23.87 1.07
CA ALA A 42 -14.70 23.73 2.20
C ALA A 42 -15.89 24.68 2.07
N ALA A 43 -15.65 25.91 1.63
CA ALA A 43 -16.74 26.88 1.48
C ALA A 43 -17.72 26.44 0.40
N VAL A 44 -17.22 25.86 -0.69
CA VAL A 44 -18.11 25.33 -1.72
C VAL A 44 -18.96 24.21 -1.15
N VAL A 45 -18.35 23.30 -0.40
CA VAL A 45 -19.12 22.19 0.17
C VAL A 45 -20.10 22.71 1.21
N SER A 46 -19.72 23.73 1.98
CA SER A 46 -20.65 24.28 2.95
C SER A 46 -21.85 24.91 2.24
N GLU A 47 -21.61 25.52 1.09
CA GLU A 47 -22.70 26.13 0.33
C GLU A 47 -23.70 25.09 -0.17
N LEU A 48 -23.27 23.84 -0.32
CA LEU A 48 -24.19 22.78 -0.74
C LEU A 48 -24.94 22.17 0.43
N GLY A 49 -24.74 22.67 1.66
CA GLY A 49 -25.51 22.24 2.80
C GLY A 49 -24.83 21.26 3.71
N PHE A 50 -23.55 20.96 3.48
CA PHE A 50 -22.84 19.97 4.26
C PHE A 50 -22.07 20.59 5.42
N ARG A 51 -21.94 19.81 6.49
CA ARG A 51 -20.98 20.14 7.54
C ARG A 51 -19.60 19.69 7.07
N THR A 52 -18.63 20.59 7.14
CA THR A 52 -17.29 20.29 6.68
C THR A 52 -16.35 20.17 7.87
N VAL A 53 -15.37 19.30 7.76
CA VAL A 53 -14.37 19.09 8.81
C VAL A 53 -13.00 19.15 8.16
N PRO A 54 -12.04 19.88 8.71
CA PRO A 54 -10.69 19.85 8.14
C PRO A 54 -10.09 18.45 8.17
N PHE A 55 -9.26 18.18 7.16
CA PHE A 55 -8.67 16.86 6.98
C PHE A 55 -7.80 16.47 8.17
N GLU A 56 -7.01 17.40 8.67
CA GLU A 56 -6.15 17.11 9.83
C GLU A 56 -6.95 16.98 11.12
N ALA A 57 -8.19 17.48 11.15
CA ALA A 57 -8.96 17.52 12.38
C ALA A 57 -9.93 16.36 12.54
N PHE A 58 -10.26 15.64 11.47
CA PHE A 58 -11.23 14.57 11.59
C PHE A 58 -10.62 13.39 12.33
N ASP A 59 -11.40 12.79 13.23
CA ASP A 59 -10.94 11.62 13.97
C ASP A 59 -11.15 10.39 13.10
N PHE A 60 -10.10 10.02 12.36
CA PHE A 60 -10.14 8.80 11.56
C PHE A 60 -9.85 7.54 12.37
N ASP A 61 -9.46 7.67 13.63
CA ASP A 61 -9.02 6.52 14.40
C ASP A 61 -10.14 5.84 15.18
N SER A 62 -10.97 6.61 15.88
CA SER A 62 -11.96 6.03 16.77
C SER A 62 -12.98 5.21 16.01
N PRO A 63 -13.29 3.97 16.44
CA PRO A 63 -14.33 3.20 15.77
C PRO A 63 -15.64 3.97 15.71
N SER A 64 -16.30 3.91 14.55
CA SER A 64 -17.51 4.67 14.33
C SER A 64 -18.37 4.01 13.25
N GLU A 65 -19.68 3.95 13.50
CA GLU A 65 -20.63 3.51 12.49
C GLU A 65 -21.06 4.64 11.56
N ASP A 66 -20.75 5.89 11.88
CA ASP A 66 -21.14 7.03 11.07
C ASP A 66 -20.14 7.23 9.94
N PRO A 67 -20.60 7.34 8.70
CA PRO A 67 -19.67 7.48 7.57
C PRO A 67 -19.23 8.93 7.36
N ALA A 68 -18.28 9.08 6.46
CA ALA A 68 -17.84 10.40 6.02
C ALA A 68 -17.37 10.35 4.58
N LEU A 69 -17.44 11.50 3.92
CA LEU A 69 -16.85 11.67 2.60
C LEU A 69 -15.58 12.50 2.73
N VAL A 70 -14.49 12.01 2.15
CA VAL A 70 -13.22 12.70 2.22
C VAL A 70 -12.93 13.29 0.84
N ILE A 71 -12.76 14.59 0.78
CA ILE A 71 -12.40 15.26 -0.45
C ILE A 71 -10.95 15.69 -0.34
N VAL A 72 -10.11 15.19 -1.25
CA VAL A 72 -8.68 15.50 -1.19
C VAL A 72 -8.33 16.29 -2.44
N ALA A 73 -8.12 17.59 -2.25
CA ALA A 73 -7.82 18.51 -3.33
C ALA A 73 -6.34 18.87 -3.43
N GLN A 74 -5.54 18.58 -2.40
CA GLN A 74 -4.12 18.88 -2.38
C GLN A 74 -3.31 17.61 -2.54
N GLY A 76 -0.40 16.93 -1.85
CA GLY A 76 0.39 16.66 -0.65
C GLY A 76 -0.30 15.79 0.38
N ASN A 77 -1.61 15.65 0.30
CA ASN A 77 -2.35 14.80 1.23
C ASN A 77 -2.70 13.42 0.70
N VAL A 78 -2.29 13.08 -0.52
CA VAL A 78 -2.67 11.79 -1.09
C VAL A 78 -1.99 10.65 -0.34
N ASP A 79 -0.71 10.79 0.02
CA ASP A 79 -0.06 9.74 0.81
C ASP A 79 -0.83 9.49 2.11
N ALA A 80 -1.25 10.57 2.78
CA ALA A 80 -2.03 10.43 4.02
C ALA A 80 -3.37 9.75 3.77
N LEU A 81 -4.07 10.09 2.69
CA LEU A 81 -5.29 9.38 2.34
C LEU A 81 -5.04 7.88 2.18
N HIS A 82 -4.00 7.51 1.44
CA HIS A 82 -3.72 6.09 1.22
C HIS A 82 -3.33 5.41 2.51
N GLY A 83 -2.70 6.14 3.43
CA GLY A 83 -2.34 5.58 4.72
C GLY A 83 -3.52 5.24 5.61
N LEU A 84 -4.73 5.72 5.25
CA LEU A 84 -5.91 5.32 6.00
C LEU A 84 -6.33 3.89 5.73
N TRP A 85 -5.80 3.29 4.66
CA TRP A 85 -6.22 1.94 4.30
C TRP A 85 -6.04 0.96 5.46
N GLU A 86 -7.10 0.26 5.80
CA GLU A 86 -7.12 -0.73 6.86
C GLU A 86 -6.84 -0.15 8.24
N ARG A 87 -6.81 1.16 8.38
CA ARG A 87 -6.55 1.82 9.65
C ARG A 87 -7.73 2.65 10.14
N SER A 88 -8.57 3.13 9.23
CA SER A 88 -9.64 4.06 9.56
C SER A 88 -10.74 3.35 10.34
N GLY A 89 -11.22 4.01 11.39
CA GLY A 89 -12.36 3.48 12.12
C GLY A 89 -13.72 3.85 11.58
N THR A 90 -13.76 4.65 10.52
CA THR A 90 -14.99 5.19 9.95
C THR A 90 -15.20 4.63 8.54
N PRO A 91 -16.41 4.20 8.17
CA PRO A 91 -16.67 3.88 6.75
C PRO A 91 -16.48 5.14 5.93
N LEU A 92 -15.73 5.03 4.85
CA LEU A 92 -15.38 6.23 4.09
C LEU A 92 -15.46 6.01 2.59
N HIS A 94 -14.02 8.56 -0.81
CA HIS A 94 -13.24 9.75 -1.07
C HIS A 94 -13.44 10.24 -2.50
N LEU A 95 -13.18 11.53 -2.70
CA LEU A 95 -13.16 12.19 -4.00
C LEU A 95 -11.76 12.80 -4.09
N ALA A 96 -10.83 12.06 -4.67
CA ALA A 96 -9.41 12.41 -4.69
C ALA A 96 -9.12 13.27 -5.91
N LEU A 97 -9.71 14.45 -5.91
CA LEU A 97 -9.54 15.41 -6.99
C LEU A 97 -8.08 15.74 -7.25
N ALA A 98 -7.25 15.76 -6.21
CA ALA A 98 -5.84 16.12 -6.39
C ALA A 98 -5.12 15.21 -7.36
N LYS A 99 -5.57 13.97 -7.50
CA LYS A 99 -4.91 13.03 -8.41
C LYS A 99 -5.19 13.34 -9.87
N PHE A 100 -6.24 14.12 -10.13
CA PHE A 100 -6.71 14.43 -11.46
C PHE A 100 -6.56 15.91 -11.74
N ASP A 101 -7.44 16.71 -11.18
CA ASP A 101 -7.39 18.16 -11.37
C ASP A 101 -8.08 18.72 -10.12
N GLY A 102 -7.32 19.43 -9.29
CA GLY A 102 -7.87 19.89 -8.03
C GLY A 102 -8.61 21.20 -8.06
N GLY A 103 -8.80 21.79 -9.24
CA GLY A 103 -9.41 23.10 -9.31
C GLY A 103 -10.82 23.11 -8.77
N LEU A 104 -11.30 24.32 -8.42
CA LEU A 104 -12.61 24.41 -7.80
C LEU A 104 -13.72 24.04 -8.78
N SER A 105 -13.55 24.36 -10.07
CA SER A 105 -14.58 23.99 -11.04
C SER A 105 -14.80 22.48 -11.07
N ARG A 106 -13.72 21.70 -10.92
CA ARG A 106 -13.86 20.24 -10.88
C ARG A 106 -14.54 19.79 -9.59
N LEU A 107 -14.34 20.52 -8.49
CA LEU A 107 -15.06 20.19 -7.27
C LEU A 107 -16.54 20.46 -7.42
N ARG A 108 -16.90 21.65 -7.93
CA ARG A 108 -18.31 21.98 -8.09
C ARG A 108 -19.00 21.01 -9.04
N ALA A 109 -18.39 20.78 -10.20
CA ALA A 109 -19.00 19.87 -11.18
C ALA A 109 -19.03 18.44 -10.66
N GLY A 110 -17.93 18.02 -9.99
CA GLY A 110 -17.87 16.67 -9.47
C GLY A 110 -18.93 16.41 -8.42
N LEU A 111 -19.13 17.37 -7.52
CA LEU A 111 -20.18 17.21 -6.52
C LEU A 111 -21.57 17.23 -7.15
N ALA A 112 -21.79 18.08 -8.16
CA ALA A 112 -23.08 18.07 -8.85
C ALA A 112 -23.36 16.69 -9.43
N ARG A 113 -22.33 16.07 -10.02
CA ARG A 113 -22.48 14.75 -10.62
C ARG A 113 -22.76 13.69 -9.56
N VAL A 114 -22.01 13.72 -8.46
CA VAL A 114 -22.16 12.70 -7.42
C VAL A 114 -23.55 12.80 -6.79
N LEU A 115 -24.05 14.02 -6.61
CA LEU A 115 -25.36 14.20 -5.99
C LEU A 115 -26.52 13.97 -6.95
N ALA A 116 -26.28 13.89 -8.25
CA ALA A 116 -27.31 13.72 -9.25
C ALA A 116 -27.46 12.27 -9.71
N VAL A 117 -26.40 11.47 -9.67
CA VAL A 117 -26.46 10.14 -10.28
C VAL A 117 -27.41 9.23 -9.53
N ASP A 118 -28.14 8.40 -10.27
CA ASP A 118 -29.05 7.42 -9.67
C ASP A 118 -28.23 6.19 -9.27
N THR A 119 -27.81 6.19 -8.01
CA THR A 119 -26.80 5.22 -7.54
C THR A 119 -27.40 3.84 -7.34
N ASP A 120 -28.69 3.75 -7.02
CA ASP A 120 -29.29 2.43 -6.87
C ASP A 120 -29.31 1.69 -8.20
N ALA A 121 -29.76 2.36 -9.27
CA ALA A 121 -29.74 1.73 -10.60
C ALA A 121 -28.31 1.40 -11.02
N ALA A 122 -27.36 2.27 -10.68
CA ALA A 122 -25.97 2.02 -11.04
C ALA A 122 -25.42 0.79 -10.33
N LEU A 123 -25.77 0.62 -9.04
CA LEU A 123 -25.29 -0.53 -8.31
C LEU A 123 -25.86 -1.83 -8.84
N LYS A 124 -27.13 -1.81 -9.29
CA LYS A 124 -27.73 -3.00 -9.91
C LYS A 124 -27.03 -3.33 -11.22
N ARG A 125 -26.83 -2.32 -12.08
CA ARG A 125 -26.16 -2.56 -13.35
C ARG A 125 -24.74 -3.07 -13.14
N ARG A 126 -24.04 -2.50 -12.14
CA ARG A 126 -22.70 -2.93 -11.79
C ARG A 126 -22.69 -4.37 -11.33
N ALA A 127 -23.66 -4.78 -10.50
CA ALA A 127 -23.70 -6.17 -10.08
C ALA A 127 -23.87 -7.11 -11.27
N GLU A 128 -24.77 -6.75 -12.18
CA GLU A 128 -25.03 -7.61 -13.34
C GLU A 128 -23.82 -7.65 -14.27
N ALA A 129 -23.11 -6.52 -14.40
CA ALA A 129 -21.93 -6.45 -15.24
C ALA A 129 -20.82 -7.33 -14.71
N TYR A 130 -20.57 -7.29 -13.41
CA TYR A 130 -19.55 -8.17 -12.84
C TYR A 130 -19.88 -9.63 -13.10
N GLU A 131 -21.14 -10.03 -12.90
CA GLU A 131 -21.49 -11.43 -13.17
C GLU A 131 -21.23 -11.80 -14.62
N GLN A 132 -21.48 -10.86 -15.55
CA GLN A 132 -21.14 -11.09 -16.95
C GLN A 132 -19.63 -11.19 -17.16
N LEU A 133 -18.87 -10.29 -16.55
CA LEU A 133 -17.42 -10.31 -16.69
C LEU A 133 -16.81 -11.58 -16.08
N PHE A 134 -17.44 -12.12 -15.02
CA PHE A 134 -16.95 -13.36 -14.40
C PHE A 134 -17.34 -14.60 -15.19
N SER A 135 -18.33 -14.50 -16.08
CA SER A 135 -18.86 -15.69 -16.77
C SER A 135 -18.58 -15.65 -18.27
N SER A 136 -17.71 -14.76 -18.72
CA SER A 136 -17.45 -14.59 -20.15
C SER A 136 -16.02 -14.98 -20.51
N ALA A 137 -15.88 -15.55 -21.71
CA ALA A 137 -14.55 -15.79 -22.26
C ALA A 137 -13.94 -14.49 -22.76
N SER A 138 -14.77 -13.60 -23.30
CA SER A 138 -14.26 -12.34 -23.80
C SER A 138 -15.41 -11.33 -23.84
N VAL A 139 -15.04 -10.07 -24.00
CA VAL A 139 -15.95 -8.95 -24.10
C VAL A 139 -15.60 -8.20 -25.37
N GLU A 140 -16.59 -7.87 -26.18
CA GLU A 140 -16.39 -7.04 -27.36
C GLU A 140 -16.98 -5.66 -27.13
N ILE A 141 -16.16 -4.63 -27.34
CA ILE A 141 -16.55 -3.25 -27.17
C ILE A 141 -16.62 -2.62 -28.56
N ALA A 142 -17.82 -2.27 -29.00
CA ALA A 142 -18.03 -1.67 -30.31
C ALA A 142 -18.17 -0.16 -30.13
N SER A 143 -17.28 0.59 -30.78
CA SER A 143 -17.26 2.04 -30.72
C SER A 143 -17.06 2.56 -32.14
N GLY A 144 -18.07 3.24 -32.66
CA GLY A 144 -18.04 3.61 -34.06
C GLY A 144 -17.74 2.38 -34.90
N GLU A 145 -16.76 2.51 -35.77
CA GLU A 145 -16.31 1.43 -36.64
C GLU A 145 -15.40 0.43 -35.95
N GLY A 146 -14.99 0.69 -34.73
CA GLY A 146 -13.99 -0.13 -34.09
C GLY A 146 -14.57 -1.24 -33.27
N VAL A 147 -13.73 -2.24 -33.02
CA VAL A 147 -14.05 -3.33 -32.10
C VAL A 147 -12.82 -3.58 -31.25
N LEU A 148 -12.95 -3.46 -29.94
CA LEU A 148 -11.91 -3.86 -29.00
C LEU A 148 -12.33 -5.15 -28.33
N ARG A 149 -11.44 -6.14 -28.35
CA ARG A 149 -11.71 -7.46 -27.79
C ARG A 149 -10.88 -7.62 -26.53
N CYS A 150 -11.56 -7.97 -25.44
CA CYS A 150 -10.90 -8.15 -24.15
C CYS A 150 -11.06 -9.61 -23.74
N HIS A 151 -9.97 -10.36 -23.82
CA HIS A 151 -9.98 -11.80 -23.51
C HIS A 151 -9.74 -12.01 -22.03
N ILE A 152 -10.69 -12.67 -21.37
CA ILE A 152 -10.70 -12.78 -19.92
C ILE A 152 -10.30 -14.19 -19.52
N GLY A 153 -9.38 -14.28 -18.55
CA GLY A 153 -8.84 -15.54 -18.11
C GLY A 153 -9.71 -16.22 -17.06
N ASP A 154 -9.15 -17.32 -16.51
CA ASP A 154 -9.91 -18.18 -15.61
C ASP A 154 -10.08 -17.57 -14.23
N GLU A 155 -9.08 -16.82 -13.76
CA GLU A 155 -9.14 -16.15 -12.47
C GLU A 155 -9.21 -14.65 -12.74
N VAL A 156 -10.31 -14.03 -12.35
CA VAL A 156 -10.60 -12.65 -12.70
C VAL A 156 -10.31 -11.76 -11.50
N GLU A 157 -9.37 -10.84 -11.68
CA GLU A 157 -9.05 -9.87 -10.63
C GLU A 157 -9.88 -8.60 -10.81
N VAL A 158 -10.51 -8.18 -9.73
CA VAL A 158 -11.33 -6.96 -9.71
C VAL A 158 -10.90 -6.14 -8.50
N GLY A 159 -10.82 -4.83 -8.69
CA GLY A 159 -10.58 -3.97 -7.54
C GLY A 159 -11.65 -4.12 -6.48
N ASN A 160 -12.92 -4.08 -6.88
CA ASN A 160 -14.01 -4.10 -5.92
C ASN A 160 -15.28 -4.56 -6.62
N CYS A 161 -15.77 -5.75 -6.26
CA CYS A 161 -17.03 -6.24 -6.80
C CYS A 161 -18.15 -6.24 -5.77
N GLY A 162 -17.88 -5.80 -4.53
CA GLY A 162 -18.91 -5.76 -3.52
C GLY A 162 -19.73 -4.47 -3.52
N ASP A 163 -20.82 -4.50 -2.75
CA ASP A 163 -21.72 -3.36 -2.61
C ASP A 163 -21.65 -2.77 -1.21
N THR A 164 -20.72 -3.22 -0.38
CA THR A 164 -20.65 -2.78 1.00
C THR A 164 -19.37 -1.99 1.27
N LEU A 165 -19.40 -1.20 2.34
CA LEU A 165 -18.24 -0.44 2.77
C LEU A 165 -17.72 -1.12 4.04
N GLU A 166 -16.67 -1.92 3.92
CA GLU A 166 -16.18 -2.63 5.10
C GLU A 166 -15.26 -1.72 5.92
N GLN A 167 -15.21 -2.00 7.22
CA GLN A 167 -14.44 -1.17 8.15
C GLN A 167 -12.97 -1.16 7.78
N GLY A 168 -12.41 0.03 7.64
CA GLY A 168 -11.02 0.23 7.30
C GLY A 168 -10.71 0.34 5.84
N PHE A 169 -11.63 -0.04 4.97
CA PHE A 169 -11.37 0.11 3.55
C PHE A 169 -11.93 1.45 3.11
N LEU A 170 -11.25 2.02 2.13
CA LEU A 170 -11.65 3.27 1.51
C LEU A 170 -12.00 2.97 0.08
N TYR A 171 -12.86 3.79 -0.50
CA TYR A 171 -13.34 3.59 -1.86
C TYR A 171 -13.52 4.95 -2.47
N SER A 172 -13.08 5.12 -3.72
CA SER A 172 -13.48 6.31 -4.45
C SER A 172 -14.99 6.29 -4.64
N VAL A 173 -15.61 7.47 -4.59
CA VAL A 173 -17.03 7.55 -4.89
C VAL A 173 -17.34 6.99 -6.27
N ALA A 174 -16.36 6.97 -7.18
CA ALA A 174 -16.57 6.45 -8.52
C ALA A 174 -16.57 4.92 -8.59
N GLU A 175 -16.08 4.26 -7.55
CA GLU A 175 -15.88 2.81 -7.58
C GLU A 175 -17.20 2.06 -7.74
N PHE A 176 -18.24 2.52 -7.07
CA PHE A 176 -19.52 1.82 -7.09
C PHE A 176 -20.36 2.16 -8.32
N LEU A 177 -19.79 2.92 -9.25
CA LEU A 177 -20.52 3.33 -10.44
C LEU A 177 -19.93 2.70 -11.69
N GLU A 178 -18.98 1.78 -11.52
CA GLU A 178 -18.31 1.13 -12.65
C GLU A 178 -18.05 -0.32 -12.27
N ALA A 179 -17.83 -1.14 -13.29
CA ALA A 179 -17.40 -2.52 -13.11
C ALA A 179 -16.12 -2.68 -13.90
N SER A 180 -15.06 -3.10 -13.23
CA SER A 180 -13.74 -3.10 -13.86
C SER A 180 -12.99 -4.37 -13.49
N VAL A 181 -12.17 -4.84 -14.43
CA VAL A 181 -11.22 -5.92 -14.19
C VAL A 181 -9.85 -5.34 -14.41
N VAL A 182 -8.88 -5.89 -13.67
CA VAL A 182 -7.56 -5.30 -13.58
C VAL A 182 -6.51 -6.39 -13.71
N ASN A 183 -5.45 -6.09 -14.46
CA ASN A 183 -4.25 -6.93 -14.47
C ASN A 183 -3.36 -6.53 -13.28
N LEU A 184 -3.72 -7.05 -12.12
CA LEU A 184 -3.03 -6.69 -10.89
C LEU A 184 -1.75 -7.47 -10.68
N GLU A 185 -1.82 -8.80 -10.75
CA GLU A 185 -0.66 -9.62 -10.43
C GLU A 185 0.37 -9.62 -11.54
N GLY A 186 -0.07 -9.63 -12.78
CA GLY A 186 0.84 -9.74 -13.90
C GLY A 186 0.35 -8.93 -15.07
N GLU A 187 1.20 -8.86 -16.11
CA GLU A 187 0.89 -8.03 -17.28
C GLU A 187 -0.42 -8.46 -17.95
N ARG A 188 -0.79 -9.73 -17.85
CA ARG A 188 -2.11 -10.16 -18.31
C ARG A 188 -2.66 -11.23 -17.38
N SER A 189 -2.47 -11.03 -16.08
CA SER A 189 -2.94 -12.01 -15.10
C SER A 189 -4.45 -12.18 -15.18
N THR A 190 -5.17 -11.15 -15.63
CA THR A 190 -6.62 -11.30 -15.75
C THR A 190 -7.14 -11.21 -17.17
N PHE A 191 -6.62 -10.30 -17.99
CA PHE A 191 -7.14 -10.15 -19.34
C PHE A 191 -6.05 -9.63 -20.26
N TRP A 192 -6.30 -9.75 -21.56
CA TRP A 192 -5.49 -9.06 -22.55
C TRP A 192 -6.43 -8.56 -23.63
N VAL A 193 -6.02 -7.50 -24.30
CA VAL A 193 -6.90 -6.83 -25.26
C VAL A 193 -6.22 -6.68 -26.61
N GLU A 194 -7.04 -6.60 -27.63
CA GLU A 194 -6.57 -6.34 -28.98
C GLU A 194 -7.71 -5.67 -29.73
N GLY A 195 -7.36 -4.74 -30.62
CA GLY A 195 -8.34 -4.11 -31.46
C GLY A 195 -8.30 -2.60 -31.33
N GLU A 196 -9.37 -1.95 -31.79
CA GLU A 196 -9.40 -0.50 -31.88
C GLU A 196 -10.57 0.07 -31.09
N LEU A 197 -10.30 1.13 -30.36
CA LEU A 197 -11.32 1.85 -29.60
C LEU A 197 -11.27 3.32 -30.00
N PRO A 198 -12.10 3.74 -30.96
CA PRO A 198 -12.41 5.17 -31.08
C PRO A 198 -12.99 5.63 -29.75
N PHE A 199 -12.54 6.78 -29.25
CA PHE A 199 -12.93 7.18 -27.91
C PHE A 199 -13.26 8.66 -27.86
N ASP A 200 -14.06 9.03 -26.86
CA ASP A 200 -14.52 10.41 -26.74
C ASP A 200 -13.50 11.28 -26.02
N GLY A 201 -12.84 10.72 -25.01
CA GLY A 201 -11.87 11.46 -24.22
C GLY A 201 -11.18 10.50 -23.29
N PHE A 202 -10.24 11.02 -22.53
CA PHE A 202 -9.53 10.21 -21.56
C PHE A 202 -9.37 11.02 -20.27
N ILE A 203 -9.01 10.30 -19.22
CA ILE A 203 -8.66 10.88 -17.92
C ILE A 203 -7.35 10.26 -17.49
N HIS A 204 -6.69 10.93 -16.55
CA HIS A 204 -5.44 10.42 -16.03
C HIS A 204 -5.28 10.71 -14.56
N LEU A 205 -4.87 9.68 -13.84
CA LEU A 205 -4.70 9.68 -12.40
C LEU A 205 -3.21 9.57 -12.08
N SER A 206 -2.73 10.48 -11.24
CA SER A 206 -1.37 10.43 -10.70
C SER A 206 -1.39 10.40 -9.18
N ASN A 207 -0.57 9.55 -8.61
CA ASN A 207 -0.50 9.40 -7.16
C ASN A 207 0.58 10.24 -6.52
N SER A 208 1.30 11.07 -7.29
CA SER A 208 2.34 11.90 -6.71
C SER A 208 2.52 13.16 -7.53
N ALA A 209 3.01 14.20 -6.86
CA ALA A 209 3.31 15.46 -7.54
C ALA A 209 4.39 15.28 -8.59
N ALA A 210 5.42 14.48 -8.28
CA ALA A 210 6.51 14.29 -9.23
C ALA A 210 5.96 13.75 -10.54
N LEU A 211 5.12 12.71 -10.46
CA LEU A 211 4.57 12.10 -11.67
C LEU A 211 3.72 13.12 -12.44
N LYS A 212 2.86 13.84 -11.74
CA LYS A 212 1.98 14.79 -12.41
C LYS A 212 2.77 15.89 -13.09
N GLU A 213 3.91 16.27 -12.53
CA GLU A 213 4.73 17.32 -13.15
C GLU A 213 5.42 16.80 -14.39
N ARG A 214 5.88 15.54 -14.37
CA ARG A 214 6.55 14.97 -15.52
C ARG A 214 5.60 14.73 -16.68
N TRP A 215 4.33 14.39 -16.39
CA TRP A 215 3.40 13.96 -17.41
C TRP A 215 2.31 14.96 -17.73
N GLY A 216 2.04 15.90 -16.82
CA GLY A 216 0.81 16.66 -16.91
C GLY A 216 0.77 17.59 -18.11
N GLY A 217 1.90 18.22 -18.42
CA GLY A 217 1.91 19.13 -19.55
C GLY A 217 1.51 18.45 -20.83
N LEU A 219 -0.06 15.41 -21.15
CA LEU A 219 -1.38 14.81 -21.13
C LEU A 219 -2.47 15.88 -21.22
N ASP A 220 -2.27 17.03 -20.57
CA ASP A 220 -3.26 18.10 -20.72
C ASP A 220 -3.30 18.64 -22.16
N GLU A 221 -2.19 18.56 -22.89
CA GLU A 221 -2.23 18.91 -24.31
C GLU A 221 -3.04 17.87 -25.09
N PHE A 222 -2.83 16.58 -24.80
CA PHE A 222 -3.64 15.55 -25.42
C PHE A 222 -5.11 15.76 -25.12
N ARG A 224 -6.59 18.56 -24.39
CA ARG A 224 -7.06 19.69 -25.20
C ARG A 224 -7.38 19.24 -26.62
N ARG A 225 -6.48 18.49 -27.22
CA ARG A 225 -6.66 18.09 -28.62
C ARG A 225 -7.76 17.05 -28.78
N SER A 226 -8.03 16.26 -27.74
CA SER A 226 -9.08 15.24 -27.86
C SER A 226 -10.46 15.86 -28.06
N ARG A 227 -10.63 17.13 -27.73
CA ARG A 227 -11.93 17.76 -27.91
C ARG A 227 -12.31 17.91 -29.37
N GLU A 228 -11.31 17.87 -30.26
CA GLU A 228 -11.56 17.91 -31.68
C GLU A 228 -11.90 16.55 -32.26
N GLY A 229 -12.35 15.60 -31.43
CA GLY A 229 -12.69 14.28 -31.93
C GLY A 229 -11.54 13.66 -32.71
N ALA A 230 -11.87 12.62 -33.46
CA ALA A 230 -10.86 11.86 -34.20
C ALA A 230 -9.82 11.28 -33.23
N ASN A 231 -10.32 10.58 -32.21
CA ASN A 231 -9.47 9.95 -31.20
C ASN A 231 -9.59 8.43 -31.34
N LEU A 232 -8.47 7.75 -31.31
CA LEU A 232 -8.46 6.31 -31.52
C LEU A 232 -7.27 5.75 -30.77
N VAL A 233 -7.48 4.68 -30.02
CA VAL A 233 -6.40 3.93 -29.43
C VAL A 233 -6.50 2.49 -29.93
N ARG A 234 -5.39 1.96 -30.40
CA ARG A 234 -5.34 0.61 -30.95
C ARG A 234 -4.39 -0.25 -30.13
N PHE A 235 -4.86 -1.43 -29.74
CA PHE A 235 -4.06 -2.38 -28.99
C PHE A 235 -3.71 -3.59 -29.84
N ALA A 236 -2.47 -4.05 -29.70
CA ALA A 236 -2.01 -5.30 -30.28
C ALA A 236 -1.36 -6.08 -29.15
N ASP A 237 -1.84 -7.29 -28.90
CA ASP A 237 -1.23 -8.19 -27.92
C ASP A 237 -1.06 -7.45 -26.59
N ASN A 238 -2.14 -6.76 -26.21
CA ASN A 238 -2.30 -6.08 -24.95
C ASN A 238 -1.54 -4.76 -24.83
N VAL A 239 -0.95 -4.25 -25.90
CA VAL A 239 -0.10 -3.05 -25.83
C VAL A 239 -0.56 -2.05 -26.88
N ILE A 240 -0.64 -0.78 -26.50
CA ILE A 240 -0.96 0.24 -27.49
C ILE A 240 0.08 0.19 -28.58
N ASP A 241 -0.35 0.08 -29.84
CA ASP A 241 0.56 0.27 -30.96
C ASP A 241 0.16 1.45 -31.84
N ARG A 242 -0.96 2.12 -31.56
CA ARG A 242 -1.30 3.39 -32.19
C ARG A 242 -2.21 4.18 -31.27
N LEU A 243 -1.88 5.46 -31.08
CA LEU A 243 -2.73 6.39 -30.37
C LEU A 243 -2.88 7.65 -31.23
N VAL A 244 -4.13 8.00 -31.51
CA VAL A 244 -4.48 9.22 -32.27
C VAL A 244 -5.35 10.09 -31.38
N VAL A 245 -5.00 11.38 -31.26
CA VAL A 245 -5.81 12.34 -30.53
C VAL A 245 -5.96 13.59 -31.39
N GLY A 246 -7.20 14.06 -31.51
CA GLY A 246 -7.45 15.22 -32.36
C GLY A 246 -7.03 15.00 -33.79
N GLY A 247 -7.14 13.77 -34.27
CA GLY A 247 -6.71 13.41 -35.60
C GLY A 247 -5.22 13.39 -35.79
N VAL A 248 -4.44 13.41 -34.72
CA VAL A 248 -2.98 13.46 -34.83
C VAL A 248 -2.39 12.24 -34.13
N ASP A 249 -1.49 11.54 -34.82
CA ASP A 249 -0.81 10.41 -34.22
C ASP A 249 0.13 10.93 -33.16
N VAL A 250 -0.07 10.50 -31.92
CA VAL A 250 0.78 10.92 -30.82
C VAL A 250 1.42 9.71 -30.15
N THR A 251 1.51 8.58 -30.87
CA THR A 251 2.00 7.36 -30.26
C THR A 251 3.42 7.52 -29.74
N SER A 252 4.28 8.15 -30.53
CA SER A 252 5.67 8.33 -30.12
C SER A 252 5.81 9.23 -28.90
N ALA A 253 4.97 10.26 -28.78
CA ALA A 253 5.00 11.10 -27.59
C ALA A 253 4.72 10.26 -26.35
N LEU A 254 3.64 9.47 -26.38
CA LEU A 254 3.32 8.63 -25.23
C LEU A 254 4.40 7.58 -24.98
N ALA A 255 4.90 6.96 -26.06
CA ALA A 255 5.90 5.91 -25.91
C ALA A 255 7.20 6.48 -25.35
N GLY A 256 7.53 7.71 -25.74
CA GLY A 256 8.74 8.33 -25.22
C GLY A 256 8.73 8.42 -23.69
N LEU A 257 7.63 8.92 -23.12
CA LEU A 257 7.59 9.04 -21.67
C LEU A 257 7.34 7.70 -20.99
N SER A 258 6.64 6.78 -21.65
CA SER A 258 6.36 5.47 -21.06
C SER A 258 7.58 4.56 -21.06
N GLN A 259 8.61 4.88 -21.84
CA GLN A 259 9.70 3.94 -22.08
C GLN A 259 10.38 3.56 -20.77
N GLY A 260 10.43 2.25 -20.51
CA GLY A 260 11.13 1.73 -19.36
C GLY A 260 10.38 1.85 -18.05
N GLU A 261 9.15 2.33 -18.07
CA GLU A 261 8.38 2.53 -16.86
C GLU A 261 7.27 1.48 -16.76
N GLU A 262 7.10 0.95 -15.55
CA GLU A 262 5.99 0.03 -15.22
C GLU A 262 5.91 -1.03 -16.33
N ARG A 263 4.73 -1.28 -16.88
CA ARG A 263 4.56 -2.18 -18.03
C ARG A 263 4.41 -1.44 -19.36
N GLY A 264 5.00 -0.26 -19.46
CA GLY A 264 4.90 0.51 -20.69
C GLY A 264 3.46 0.77 -21.02
N ALA A 266 1.04 -1.34 -21.81
CA ALA A 266 0.19 -2.51 -21.67
C ALA A 266 -1.12 -2.13 -20.97
N ALA A 267 -2.20 -2.78 -21.38
CA ALA A 267 -3.49 -2.55 -20.74
C ALA A 267 -3.49 -3.09 -19.32
N THR A 268 -3.87 -2.24 -18.38
CA THR A 268 -3.90 -2.60 -16.97
C THR A 268 -5.30 -2.72 -16.42
N GLU A 269 -6.29 -2.12 -17.07
CA GLU A 269 -7.66 -2.11 -16.59
C GLU A 269 -8.62 -1.98 -17.76
N PHE A 270 -9.75 -2.64 -17.64
CA PHE A 270 -10.86 -2.59 -18.58
C PHE A 270 -12.12 -2.49 -17.74
N GLY A 271 -13.07 -1.65 -18.15
CA GLY A 271 -14.31 -1.58 -17.40
C GLY A 271 -15.48 -0.98 -18.14
N LEU A 272 -16.65 -1.07 -17.49
CA LEU A 272 -17.92 -0.60 -18.02
C LEU A 272 -18.49 0.45 -17.09
N GLY A 273 -18.92 1.58 -17.64
CA GLY A 273 -19.60 2.60 -16.85
C GLY A 273 -21.05 2.21 -16.63
N CYS A 274 -21.47 2.17 -15.37
CA CYS A 274 -22.76 1.58 -15.04
C CYS A 274 -23.84 2.58 -14.68
N ALA A 275 -23.53 3.87 -14.68
CA ALA A 275 -24.46 4.86 -14.18
C ALA A 275 -25.13 5.60 -15.34
N ASP A 276 -26.17 6.34 -15.01
CA ASP A 276 -26.77 7.29 -15.95
C ASP A 276 -25.77 8.41 -16.23
N ALA A 277 -26.19 9.38 -17.04
CA ALA A 277 -25.29 10.47 -17.41
C ALA A 277 -25.73 11.82 -16.85
N GLU A 278 -26.62 11.81 -15.85
CA GLU A 278 -27.14 13.06 -15.31
C GLU A 278 -26.01 13.89 -14.70
N ALA A 279 -25.89 15.13 -15.16
CA ALA A 279 -24.84 16.08 -14.75
C ALA A 279 -23.45 15.57 -15.06
N ALA A 280 -23.34 14.60 -15.96
CA ALA A 280 -22.02 14.17 -16.42
C ALA A 280 -21.30 15.35 -17.08
N GLU A 281 -19.99 15.39 -16.90
CA GLU A 281 -19.15 16.46 -17.37
C GLU A 281 -18.66 16.19 -18.80
N PRO A 282 -18.28 17.23 -19.53
CA PRO A 282 -17.81 17.03 -20.91
C PRO A 282 -16.39 16.49 -20.93
N PHE A 283 -16.08 15.72 -21.95
CA PHE A 283 -14.71 15.28 -22.12
C PHE A 283 -13.82 16.48 -22.43
N GLY A 284 -12.56 16.37 -22.06
CA GLY A 284 -11.63 17.48 -22.19
C GLY A 284 -11.25 18.08 -20.86
N VAL A 285 -11.99 17.76 -19.80
CA VAL A 285 -11.56 18.05 -18.44
C VAL A 285 -11.27 16.70 -17.77
N ASN A 286 -10.37 16.73 -16.80
CA ASN A 286 -9.88 15.51 -16.16
C ASN A 286 -10.69 15.23 -14.90
N SER A 287 -11.86 14.62 -15.09
CA SER A 287 -12.76 14.30 -13.99
C SER A 287 -12.72 12.82 -13.69
N LEU A 288 -12.55 12.49 -12.40
CA LEU A 288 -12.52 11.10 -11.99
C LEU A 288 -13.86 10.40 -12.16
N LEU A 289 -14.90 11.14 -12.46
CA LEU A 289 -16.23 10.56 -12.64
C LEU A 289 -16.54 10.24 -14.10
N HIS A 290 -15.57 10.40 -15.02
CA HIS A 290 -15.90 10.30 -16.43
C HIS A 290 -16.23 8.88 -16.87
N LYS A 291 -15.70 7.87 -16.19
CA LYS A 291 -15.93 6.50 -16.61
C LYS A 291 -17.34 6.03 -16.30
N SER A 292 -18.00 6.66 -15.33
CA SER A 292 -19.22 6.13 -14.76
C SER A 292 -20.42 6.30 -15.68
N ALA A 293 -20.42 7.33 -16.52
CA ALA A 293 -21.60 7.72 -17.29
C ALA A 293 -21.84 6.91 -18.55
N GLY A 294 -21.63 5.60 -18.50
CA GLY A 294 -21.98 4.72 -19.60
C GLY A 294 -20.78 4.32 -20.42
N GLY A 295 -21.03 3.41 -21.36
CA GLY A 295 -19.98 3.01 -22.29
C GLY A 295 -18.95 2.10 -21.64
N ALA A 296 -17.73 2.21 -22.13
CA ALA A 296 -16.66 1.34 -21.65
C ALA A 296 -15.35 2.09 -21.78
N TYR A 297 -14.34 1.61 -21.08
CA TYR A 297 -13.03 2.25 -21.10
C TYR A 297 -11.95 1.19 -21.00
N ILE A 298 -10.77 1.54 -21.49
CA ILE A 298 -9.57 0.71 -21.39
C ILE A 298 -8.45 1.60 -20.89
N GLY A 299 -7.65 1.08 -19.96
CA GLY A 299 -6.70 1.90 -19.25
C GLY A 299 -5.30 1.30 -19.29
N ILE A 300 -4.31 2.20 -19.24
CA ILE A 300 -2.91 1.82 -19.09
C ILE A 300 -2.37 2.48 -17.82
N GLY A 301 -1.19 2.01 -17.38
CA GLY A 301 -0.50 2.59 -16.25
C GLY A 301 -1.10 2.19 -14.91
N LYS A 302 -0.33 2.47 -13.87
CA LYS A 302 -0.75 2.17 -12.49
C LYS A 302 -0.86 3.43 -11.63
N GLY A 303 -0.46 4.58 -12.16
CA GLY A 303 -0.47 5.80 -11.40
C GLY A 303 0.76 5.99 -10.55
N LEU A 304 1.83 5.25 -10.81
CA LEU A 304 3.02 5.26 -9.99
C LEU A 304 4.22 5.86 -10.71
N ARG A 305 4.64 5.24 -11.82
CA ARG A 305 5.59 5.85 -12.73
C ARG A 305 5.02 6.07 -14.12
N ILE A 306 3.78 5.63 -14.37
CA ILE A 306 2.99 6.06 -15.52
C ILE A 306 1.63 6.43 -14.94
N PRO A 307 1.05 7.58 -15.29
CA PRO A 307 -0.31 7.88 -14.79
C PRO A 307 -1.23 6.77 -15.24
N HIS A 308 -2.23 6.47 -14.42
CA HIS A 308 -3.25 5.55 -14.87
C HIS A 308 -4.17 6.33 -15.81
N ILE A 309 -4.10 6.01 -17.10
CA ILE A 309 -4.81 6.73 -18.16
C ILE A 309 -5.93 5.86 -18.68
N ASP A 310 -7.17 6.38 -18.67
CA ASP A 310 -8.35 5.65 -19.12
C ASP A 310 -8.90 6.32 -20.38
N PHE A 311 -8.94 5.54 -21.47
CA PHE A 311 -9.56 5.97 -22.71
C PHE A 311 -11.00 5.50 -22.70
N ILE A 312 -11.94 6.44 -22.89
CA ILE A 312 -13.34 6.23 -22.56
C ILE A 312 -14.19 6.41 -23.80
N ALA A 313 -14.99 5.41 -24.14
CA ALA A 313 -15.98 5.49 -25.21
C ALA A 313 -17.34 5.49 -24.53
N ARG A 314 -17.90 6.69 -24.30
CA ARG A 314 -19.10 6.82 -23.48
C ARG A 314 -20.30 6.16 -24.14
N GLY A 315 -20.36 6.12 -25.46
CA GLY A 315 -21.47 5.50 -26.16
C GLY A 315 -21.21 4.11 -26.70
N ALA A 316 -20.13 3.46 -26.27
CA ALA A 316 -19.79 2.17 -26.82
C ALA A 316 -20.83 1.13 -26.43
N THR A 317 -21.02 0.15 -27.30
CA THR A 317 -21.88 -0.98 -26.98
C THR A 317 -21.01 -2.18 -26.64
N ILE A 318 -21.57 -3.07 -25.82
CA ILE A 318 -20.79 -4.14 -25.20
C ILE A 318 -21.46 -5.48 -25.47
N ARG A 319 -20.66 -6.47 -25.86
CA ARG A 319 -21.17 -7.82 -26.08
C ARG A 319 -20.29 -8.79 -25.30
N PHE A 320 -20.92 -9.64 -24.52
CA PHE A 320 -20.22 -10.64 -23.72
C PHE A 320 -20.27 -11.97 -24.45
N ILE A 321 -19.12 -12.62 -24.58
CA ILE A 321 -19.00 -13.88 -25.31
C ILE A 321 -18.77 -15.00 -24.30
N PRO A 322 -19.68 -15.98 -24.19
CA PRO A 322 -19.56 -17.09 -23.23
C PRO A 322 -18.32 -17.97 -23.40
N ILE B 17 18.50 -5.03 -9.90
CA ILE B 17 19.77 -4.87 -10.60
C ILE B 17 20.92 -4.67 -9.60
N ASN B 19 22.57 -5.79 -5.71
CA ASN B 19 22.59 -6.75 -4.64
C ASN B 19 22.53 -6.07 -3.27
N ALA B 20 21.92 -6.75 -2.31
CA ALA B 20 21.91 -6.23 -0.94
C ALA B 20 23.33 -6.12 -0.40
N SER B 21 24.18 -7.11 -0.70
CA SER B 21 25.53 -7.10 -0.17
C SER B 21 26.30 -5.86 -0.63
N ASP B 22 26.14 -5.49 -1.91
CA ASP B 22 26.80 -4.31 -2.43
C ASP B 22 26.26 -3.04 -1.79
N PHE B 23 24.94 -2.98 -1.56
CA PHE B 23 24.36 -1.84 -0.85
C PHE B 23 25.02 -1.64 0.50
N TYR B 24 25.10 -2.73 1.30
CA TYR B 24 25.66 -2.61 2.64
C TYR B 24 27.13 -2.21 2.59
N ALA B 25 27.88 -2.74 1.61
CA ALA B 25 29.29 -2.39 1.46
C ALA B 25 29.46 -0.92 1.12
N LEU B 26 28.66 -0.41 0.17
CA LEU B 26 28.69 1.02 -0.12
C LEU B 26 28.34 1.84 1.12
N LEU B 27 27.35 1.39 1.90
CA LEU B 27 26.96 2.13 3.10
C LEU B 27 28.11 2.21 4.09
N ARG B 28 28.78 1.08 4.34
CA ARG B 28 29.94 1.09 5.22
C ARG B 28 31.03 2.01 4.71
N GLY B 29 31.18 2.13 3.38
CA GLY B 29 32.17 3.00 2.79
C GLY B 29 31.75 4.45 2.68
N ARG B 30 30.61 4.82 3.26
CA ARG B 30 30.04 6.16 3.09
C ARG B 30 29.91 6.53 1.62
N GLY B 31 29.58 5.55 0.79
CA GLY B 31 29.55 5.72 -0.64
C GLY B 31 28.20 6.09 -1.20
N PRO B 33 24.44 8.73 -0.43
CA PRO B 33 23.82 9.74 0.44
C PRO B 33 22.81 9.14 1.39
N VAL B 34 22.61 9.80 2.52
CA VAL B 34 21.59 9.43 3.50
C VAL B 34 20.53 10.51 3.45
N VAL B 35 19.32 10.13 3.10
CA VAL B 35 18.20 11.03 3.05
C VAL B 35 17.53 11.02 4.42
N VAL B 36 17.40 12.19 5.02
CA VAL B 36 16.97 12.27 6.41
C VAL B 36 15.84 13.29 6.52
N ASP B 37 14.82 12.95 7.30
CA ASP B 37 13.65 13.81 7.37
C ASP B 37 13.67 14.76 8.56
N ASP B 38 14.78 14.89 9.25
CA ASP B 38 14.83 15.79 10.40
C ASP B 38 16.21 16.40 10.52
N ALA B 39 16.28 17.71 10.81
CA ALA B 39 17.55 18.43 10.78
C ALA B 39 18.51 17.90 11.84
N GLU B 40 18.04 17.73 13.08
CA GLU B 40 18.92 17.24 14.14
C GLU B 40 19.43 15.85 13.79
N ALA B 41 18.56 14.97 13.31
CA ALA B 41 19.02 13.66 12.86
C ALA B 41 20.05 13.78 11.74
N ALA B 42 19.86 14.74 10.84
CA ALA B 42 20.80 14.89 9.73
C ALA B 42 22.20 15.24 10.25
N ALA B 43 22.28 16.15 11.22
CA ALA B 43 23.56 16.51 11.81
C ALA B 43 24.28 15.29 12.38
N VAL B 44 23.54 14.43 13.07
CA VAL B 44 24.13 13.23 13.66
C VAL B 44 24.68 12.30 12.59
N VAL B 45 23.92 12.12 11.52
CA VAL B 45 24.36 11.26 10.42
C VAL B 45 25.62 11.83 9.76
N SER B 46 25.65 13.14 9.54
CA SER B 46 26.86 13.76 9.04
C SER B 46 28.07 13.48 9.93
N GLU B 47 27.86 13.42 11.24
CA GLU B 47 28.98 13.21 12.15
C GLU B 47 29.60 11.84 11.97
N LEU B 48 28.92 10.94 11.27
CA LEU B 48 29.49 9.66 10.87
C LEU B 48 30.15 9.71 9.49
N GLY B 49 30.17 10.88 8.85
CA GLY B 49 30.86 11.03 7.58
C GLY B 49 30.00 10.96 6.32
N PHE B 50 28.69 10.88 6.46
CA PHE B 50 27.81 10.75 5.30
C PHE B 50 27.39 12.10 4.74
N ARG B 51 27.19 12.13 3.42
CA ARG B 51 26.47 13.24 2.82
C ARG B 51 24.98 13.05 3.09
N THR B 52 24.34 14.06 3.68
CA THR B 52 22.92 13.96 3.98
C THR B 52 22.14 14.90 3.07
N VAL B 53 20.93 14.50 2.75
CA VAL B 53 20.04 15.28 1.91
C VAL B 53 18.69 15.34 2.62
N PRO B 54 18.03 16.49 2.65
CA PRO B 54 16.70 16.54 3.27
C PRO B 54 15.71 15.67 2.52
N PHE B 55 14.86 14.97 3.29
CA PHE B 55 13.80 14.13 2.73
C PHE B 55 12.99 14.89 1.67
N GLU B 56 12.68 16.16 1.94
CA GLU B 56 11.83 16.92 1.03
C GLU B 56 12.56 17.44 -0.21
N ALA B 57 13.88 17.30 -0.26
CA ALA B 57 14.66 17.78 -1.39
C ALA B 57 15.23 16.66 -2.26
N PHE B 58 15.31 15.43 -1.77
CA PHE B 58 15.92 14.37 -2.56
C PHE B 58 15.03 14.05 -3.76
N ASP B 59 15.66 13.83 -4.91
CA ASP B 59 14.93 13.47 -6.12
C ASP B 59 14.66 11.98 -6.11
N PHE B 60 13.47 11.59 -5.66
CA PHE B 60 13.06 10.19 -5.70
C PHE B 60 12.49 9.78 -7.05
N ASP B 61 12.39 10.70 -8.01
CA ASP B 61 11.71 10.40 -9.25
C ASP B 61 12.65 10.00 -10.39
N SER B 62 13.74 10.74 -10.58
CA SER B 62 14.62 10.48 -11.71
C SER B 62 15.19 9.07 -11.60
N PRO B 63 15.20 8.30 -12.69
CA PRO B 63 15.86 6.98 -12.63
C PRO B 63 17.31 7.14 -12.26
N SER B 64 17.79 6.26 -11.38
CA SER B 64 19.20 6.31 -10.98
C SER B 64 19.69 4.92 -10.61
N GLU B 65 20.95 4.65 -10.91
CA GLU B 65 21.56 3.42 -10.41
C GLU B 65 22.28 3.60 -9.09
N ASP B 66 22.41 4.83 -8.59
CA ASP B 66 23.07 5.09 -7.32
C ASP B 66 22.07 4.94 -6.16
N PRO B 67 22.34 4.10 -5.18
CA PRO B 67 21.37 3.86 -4.11
C PRO B 67 21.37 5.00 -3.09
N ALA B 68 20.45 4.91 -2.15
CA ALA B 68 20.43 5.82 -1.02
C ALA B 68 19.82 5.11 0.17
N LEU B 69 20.16 5.61 1.36
CA LEU B 69 19.55 5.18 2.61
C LEU B 69 18.60 6.28 3.07
N VAL B 70 17.37 5.91 3.40
CA VAL B 70 16.38 6.85 3.89
C VAL B 70 16.20 6.62 5.39
N ILE B 71 16.37 7.69 6.16
CA ILE B 71 16.14 7.64 7.60
C ILE B 71 14.93 8.53 7.88
N VAL B 72 13.88 7.92 8.40
CA VAL B 72 12.64 8.62 8.74
C VAL B 72 12.51 8.59 10.25
N ALA B 73 12.77 9.73 10.87
CA ALA B 73 12.65 9.84 12.32
C ALA B 73 11.32 10.46 12.76
N GLN B 74 10.58 11.08 11.85
CA GLN B 74 9.31 11.72 12.19
C GLN B 74 8.14 10.89 11.68
N GLY B 76 5.22 11.71 11.08
CA GLY B 76 4.53 12.43 10.03
C GLY B 76 5.01 12.14 8.63
N ASN B 77 6.20 11.57 8.47
CA ASN B 77 6.69 11.24 7.14
C ASN B 77 6.54 9.77 6.79
N VAL B 78 5.96 8.95 7.66
CA VAL B 78 5.82 7.53 7.38
C VAL B 78 4.94 7.31 6.15
N ASP B 79 3.81 8.00 6.08
CA ASP B 79 2.93 7.80 4.93
C ASP B 79 3.65 8.13 3.61
N ALA B 80 4.51 9.16 3.63
CA ALA B 80 5.24 9.54 2.44
C ALA B 80 6.29 8.49 2.08
N LEU B 81 6.94 7.92 3.10
CA LEU B 81 7.85 6.80 2.88
C LEU B 81 7.13 5.64 2.22
N HIS B 82 5.96 5.27 2.75
CA HIS B 82 5.20 4.17 2.18
C HIS B 82 4.77 4.49 0.75
N GLY B 83 4.47 5.76 0.46
CA GLY B 83 4.11 6.14 -0.88
C GLY B 83 5.22 6.05 -1.90
N LEU B 84 6.46 5.87 -1.48
CA LEU B 84 7.56 5.64 -2.41
C LEU B 84 7.56 4.24 -3.00
N TRP B 85 6.79 3.32 -2.43
CA TRP B 85 6.72 1.95 -2.91
C TRP B 85 6.37 1.92 -4.39
N GLU B 86 7.24 1.30 -5.18
CA GLU B 86 7.04 1.08 -6.61
C GLU B 86 7.07 2.37 -7.42
N ARG B 87 7.47 3.49 -6.83
CA ARG B 87 7.62 4.68 -7.65
C ARG B 87 8.99 5.34 -7.54
N SER B 88 9.83 4.90 -6.61
CA SER B 88 11.14 5.52 -6.47
C SER B 88 12.00 5.17 -7.69
N GLY B 89 12.71 6.15 -8.20
CA GLY B 89 13.62 5.85 -9.29
C GLY B 89 14.98 5.37 -8.86
N THR B 90 15.21 5.30 -7.55
CA THR B 90 16.48 5.00 -6.92
C THR B 90 16.38 3.74 -6.07
N PRO B 91 17.38 2.86 -6.09
CA PRO B 91 17.38 1.74 -5.12
C PRO B 91 17.52 2.29 -3.71
N LEU B 92 16.66 1.81 -2.81
CA LEU B 92 16.59 2.39 -1.48
C LEU B 92 16.47 1.32 -0.41
N HIS B 94 15.62 1.69 3.99
CA HIS B 94 15.23 2.71 4.96
C HIS B 94 15.46 2.23 6.39
N LEU B 95 15.61 3.20 7.27
CA LEU B 95 15.71 3.03 8.72
C LEU B 95 14.54 3.86 9.28
N ALA B 96 13.38 3.23 9.45
CA ALA B 96 12.16 3.95 9.79
C ALA B 96 12.02 4.04 11.32
N LEU B 97 12.93 4.82 11.92
CA LEU B 97 12.98 4.91 13.37
C LEU B 97 11.66 5.41 13.95
N ALA B 98 10.94 6.23 13.18
CA ALA B 98 9.73 6.87 13.68
C ALA B 98 8.66 5.86 14.07
N LYS B 99 8.69 4.67 13.45
CA LYS B 99 7.72 3.64 13.77
C LYS B 99 8.01 2.96 15.10
N PHE B 100 9.21 3.14 15.64
CA PHE B 100 9.65 2.46 16.85
C PHE B 100 9.94 3.46 17.96
N ASP B 101 11.09 4.13 17.87
CA ASP B 101 11.52 5.11 18.85
C ASP B 101 12.43 6.06 18.10
N GLY B 102 11.99 7.29 17.89
CA GLY B 102 12.70 8.21 17.04
C GLY B 102 13.81 9.01 17.66
N GLY B 103 14.26 8.67 18.86
CA GLY B 103 15.26 9.48 19.53
C GLY B 103 16.64 9.39 18.90
N LEU B 104 17.48 10.37 19.23
CA LEU B 104 18.82 10.40 18.63
C LEU B 104 19.69 9.27 19.15
N SER B 105 19.52 8.90 20.42
CA SER B 105 20.25 7.76 20.95
C SER B 105 19.95 6.50 20.14
N ARG B 106 18.67 6.32 19.73
CA ARG B 106 18.32 5.16 18.91
C ARG B 106 18.94 5.27 17.51
N LEU B 107 18.98 6.47 16.96
CA LEU B 107 19.58 6.66 15.64
C LEU B 107 21.05 6.30 15.66
N ARG B 108 21.78 6.78 16.66
CA ARG B 108 23.22 6.50 16.70
C ARG B 108 23.49 5.03 16.94
N ALA B 109 22.75 4.40 17.87
CA ALA B 109 22.99 2.99 18.15
C ALA B 109 22.60 2.15 16.95
N GLY B 110 21.46 2.47 16.33
CA GLY B 110 21.02 1.70 15.17
C GLY B 110 22.01 1.77 14.03
N LEU B 111 22.53 2.97 13.75
CA LEU B 111 23.50 3.12 12.67
C LEU B 111 24.81 2.40 13.01
N ALA B 112 25.24 2.47 14.27
CA ALA B 112 26.45 1.74 14.66
C ALA B 112 26.27 0.24 14.43
N ARG B 113 25.07 -0.26 14.72
CA ARG B 113 24.76 -1.66 14.48
C ARG B 113 24.79 -2.00 12.99
N VAL B 114 24.14 -1.17 12.16
CA VAL B 114 24.08 -1.46 10.73
C VAL B 114 25.48 -1.46 10.14
N LEU B 115 26.34 -0.56 10.59
CA LEU B 115 27.69 -0.46 10.06
C LEU B 115 28.63 -1.53 10.60
N ALA B 116 28.28 -2.24 11.68
CA ALA B 116 29.15 -3.25 12.26
C ALA B 116 28.81 -4.68 11.85
N VAL B 117 27.58 -4.94 11.38
CA VAL B 117 27.16 -6.31 11.16
C VAL B 117 27.83 -6.89 9.92
N ASP B 118 28.18 -8.18 9.99
CA ASP B 118 28.74 -8.90 8.85
C ASP B 118 27.58 -9.29 7.93
N THR B 119 27.27 -8.42 6.97
CA THR B 119 26.09 -8.60 6.16
C THR B 119 26.23 -9.76 5.17
N ASP B 120 27.43 -10.02 4.67
CA ASP B 120 27.61 -11.13 3.75
C ASP B 120 27.28 -12.46 4.44
N ALA B 121 27.83 -12.67 5.64
CA ALA B 121 27.50 -13.86 6.40
C ALA B 121 26.01 -13.94 6.68
N ALA B 122 25.41 -12.83 7.09
CA ALA B 122 23.99 -12.84 7.41
C ALA B 122 23.17 -13.19 6.18
N LEU B 123 23.58 -12.69 5.01
CA LEU B 123 22.85 -13.01 3.77
C LEU B 123 22.92 -14.51 3.48
N LYS B 124 24.07 -15.15 3.73
CA LYS B 124 24.20 -16.59 3.52
C LYS B 124 23.31 -17.38 4.49
N ARG B 125 23.34 -17.02 5.78
CA ARG B 125 22.51 -17.73 6.75
C ARG B 125 21.04 -17.57 6.39
N ARG B 126 20.65 -16.37 5.99
CA ARG B 126 19.27 -16.08 5.60
C ARG B 126 18.82 -16.94 4.41
N ALA B 127 19.69 -17.14 3.43
CA ALA B 127 19.34 -18.00 2.30
C ALA B 127 19.10 -19.44 2.78
N GLU B 128 19.99 -19.95 3.64
CA GLU B 128 19.82 -21.27 4.20
C GLU B 128 18.53 -21.35 5.02
N ALA B 129 18.22 -20.30 5.79
CA ALA B 129 17.00 -20.33 6.59
C ALA B 129 15.77 -20.39 5.69
N TYR B 130 15.73 -19.59 4.63
CA TYR B 130 14.60 -19.62 3.72
C TYR B 130 14.46 -20.97 3.04
N GLU B 131 15.58 -21.60 2.68
CA GLU B 131 15.50 -22.94 2.07
C GLU B 131 14.80 -23.91 3.02
N GLN B 132 15.08 -23.81 4.32
CA GLN B 132 14.44 -24.69 5.29
C GLN B 132 13.00 -24.29 5.58
N LEU B 133 12.72 -22.99 5.65
CA LEU B 133 11.34 -22.55 5.86
C LEU B 133 10.41 -23.01 4.75
N PHE B 134 10.91 -23.13 3.51
CA PHE B 134 10.07 -23.54 2.39
C PHE B 134 9.94 -25.05 2.24
N SER B 135 10.71 -25.83 3.00
CA SER B 135 10.69 -27.29 2.85
C SER B 135 10.43 -27.97 4.17
N SER B 136 9.79 -27.30 5.11
CA SER B 136 9.54 -27.83 6.44
C SER B 136 8.04 -27.89 6.69
N ALA B 137 7.63 -28.99 7.34
CA ALA B 137 6.27 -29.10 7.86
C ALA B 137 6.10 -28.26 9.13
N SER B 138 7.15 -28.14 9.94
CA SER B 138 7.07 -27.23 11.07
C SER B 138 8.47 -26.83 11.51
N VAL B 139 8.49 -25.84 12.39
CA VAL B 139 9.69 -25.33 13.04
C VAL B 139 9.42 -25.32 14.54
N GLU B 140 10.38 -25.78 15.32
CA GLU B 140 10.33 -25.89 16.77
C GLU B 140 11.41 -24.99 17.35
N ILE B 141 11.01 -24.13 18.28
CA ILE B 141 11.88 -23.16 18.93
C ILE B 141 11.95 -23.53 20.41
N ALA B 142 13.13 -23.86 20.89
CA ALA B 142 13.33 -24.21 22.29
C ALA B 142 14.11 -23.07 22.97
N SER B 143 13.49 -22.44 23.95
CA SER B 143 14.05 -21.28 24.63
C SER B 143 13.76 -21.47 26.11
N GLY B 144 14.80 -21.43 26.93
CA GLY B 144 14.63 -21.75 28.33
C GLY B 144 13.93 -23.08 28.53
N GLU B 145 12.88 -23.05 29.34
CA GLU B 145 12.07 -24.23 29.62
C GLU B 145 10.97 -24.46 28.58
N GLY B 146 10.80 -23.59 27.61
CA GLY B 146 9.67 -23.61 26.72
C GLY B 146 9.99 -24.21 25.36
N VAL B 147 8.92 -24.59 24.67
CA VAL B 147 9.00 -25.05 23.28
C VAL B 147 7.83 -24.45 22.53
N LEU B 148 8.12 -23.71 21.46
CA LEU B 148 7.11 -23.12 20.59
C LEU B 148 7.15 -23.85 19.25
N ARG B 149 6.00 -24.29 18.77
CA ARG B 149 5.90 -25.04 17.53
C ARG B 149 5.17 -24.18 16.51
N CYS B 150 5.77 -24.04 15.33
CA CYS B 150 5.19 -23.26 14.23
C CYS B 150 4.88 -24.24 13.11
N HIS B 151 3.59 -24.46 12.85
CA HIS B 151 3.13 -25.45 11.87
C HIS B 151 2.91 -24.73 10.55
N ILE B 152 3.70 -25.08 9.53
CA ILE B 152 3.72 -24.40 8.24
C ILE B 152 2.91 -25.19 7.24
N GLY B 153 2.11 -24.49 6.46
CA GLY B 153 1.26 -25.10 5.44
C GLY B 153 1.98 -25.24 4.10
N ASP B 154 1.21 -25.69 3.10
CA ASP B 154 1.78 -26.03 1.80
C ASP B 154 2.25 -24.79 1.04
N GLU B 155 1.60 -23.65 1.24
CA GLU B 155 1.97 -22.41 0.57
C GLU B 155 2.53 -21.46 1.62
N VAL B 156 3.76 -21.00 1.40
CA VAL B 156 4.47 -20.19 2.38
C VAL B 156 4.53 -18.76 1.87
N GLU B 157 3.93 -17.85 2.63
CA GLU B 157 4.00 -16.42 2.38
C GLU B 157 5.21 -15.82 3.11
N VAL B 158 6.07 -15.14 2.36
CA VAL B 158 7.21 -14.44 2.96
C VAL B 158 7.17 -12.99 2.51
N GLY B 159 7.66 -12.10 3.36
CA GLY B 159 7.74 -10.70 2.98
C GLY B 159 8.69 -10.48 1.82
N ASN B 160 9.91 -10.99 1.94
CA ASN B 160 10.85 -10.94 0.83
C ASN B 160 12.00 -11.91 1.09
N CYS B 161 12.16 -12.92 0.25
CA CYS B 161 13.27 -13.85 0.38
C CYS B 161 14.38 -13.61 -0.62
N GLY B 162 14.30 -12.54 -1.43
CA GLY B 162 15.34 -12.26 -2.39
C GLY B 162 16.52 -11.55 -1.75
N ASP B 163 17.59 -11.36 -2.53
CA ASP B 163 18.76 -10.65 -2.03
C ASP B 163 19.11 -9.44 -2.89
N THR B 164 18.18 -8.95 -3.70
CA THR B 164 18.40 -7.82 -4.57
C THR B 164 17.49 -6.66 -4.17
N LEU B 165 17.86 -5.48 -4.62
CA LEU B 165 17.05 -4.29 -4.49
C LEU B 165 16.52 -3.94 -5.88
N GLU B 166 15.31 -4.36 -6.13
CA GLU B 166 14.68 -3.92 -7.34
C GLU B 166 14.41 -2.39 -7.19
N GLN B 167 14.51 -1.67 -8.34
CA GLN B 167 14.00 -0.30 -8.45
C GLN B 167 12.51 -0.24 -8.15
N GLY B 168 12.12 0.79 -7.43
CA GLY B 168 10.74 0.93 -7.02
C GLY B 168 10.47 0.34 -5.67
N PHE B 169 10.89 -0.90 -5.45
CA PHE B 169 10.70 -1.47 -4.13
C PHE B 169 11.67 -0.80 -3.17
N LEU B 170 11.32 -0.84 -1.90
CA LEU B 170 12.19 -0.33 -0.85
C LEU B 170 12.07 -1.28 0.32
N TYR B 171 13.13 -1.36 1.10
CA TYR B 171 13.25 -2.38 2.12
C TYR B 171 13.85 -1.76 3.37
N SER B 172 13.42 -2.25 4.52
CA SER B 172 14.08 -1.93 5.77
C SER B 172 15.49 -2.51 5.78
N VAL B 173 16.44 -1.76 6.37
CA VAL B 173 17.80 -2.28 6.50
C VAL B 173 17.80 -3.60 7.27
N ALA B 174 16.80 -3.83 8.12
CA ALA B 174 16.74 -5.07 8.89
C ALA B 174 16.25 -6.27 8.06
N GLU B 175 15.64 -6.01 6.91
CA GLU B 175 15.00 -7.09 6.16
C GLU B 175 15.98 -8.18 5.77
N PHE B 176 17.16 -7.80 5.31
CA PHE B 176 18.11 -8.77 4.81
C PHE B 176 18.94 -9.42 5.91
N LEU B 177 18.59 -9.18 7.16
CA LEU B 177 19.28 -9.76 8.30
C LEU B 177 18.41 -10.80 9.01
N GLU B 178 17.25 -11.11 8.45
CA GLU B 178 16.28 -12.00 9.07
C GLU B 178 15.58 -12.81 7.98
N ALA B 179 14.99 -13.93 8.38
CA ALA B 179 14.16 -14.74 7.51
C ALA B 179 12.83 -14.92 8.21
N SER B 180 11.74 -14.63 7.51
CA SER B 180 10.44 -14.61 8.15
C SER B 180 9.38 -15.17 7.22
N VAL B 181 8.37 -15.78 7.85
CA VAL B 181 7.12 -16.15 7.18
C VAL B 181 6.01 -15.35 7.84
N VAL B 182 4.98 -15.04 7.05
CA VAL B 182 3.94 -14.13 7.48
C VAL B 182 2.59 -14.75 7.12
N ASN B 183 1.60 -14.46 7.97
CA ASN B 183 0.20 -14.79 7.69
C ASN B 183 -0.42 -13.56 7.04
N LEU B 184 -0.21 -13.46 5.74
CA LEU B 184 -0.64 -12.26 5.03
C LEU B 184 -2.10 -12.37 4.58
N GLU B 185 -2.42 -13.42 3.83
CA GLU B 185 -3.75 -13.54 3.24
C GLU B 185 -4.82 -13.88 4.27
N GLY B 186 -4.47 -14.55 5.35
CA GLY B 186 -5.48 -14.92 6.33
C GLY B 186 -4.87 -15.22 7.69
N GLU B 187 -5.76 -15.43 8.67
CA GLU B 187 -5.32 -15.61 10.05
C GLU B 187 -4.30 -16.74 10.21
N ARG B 188 -4.39 -17.81 9.42
CA ARG B 188 -3.36 -18.83 9.44
C ARG B 188 -3.07 -19.30 8.01
N SER B 189 -2.98 -18.36 7.06
CA SER B 189 -2.78 -18.74 5.67
C SER B 189 -1.41 -19.39 5.44
N THR B 190 -0.40 -19.07 6.23
CA THR B 190 0.90 -19.73 6.09
C THR B 190 1.26 -20.63 7.27
N PHE B 191 0.98 -20.22 8.50
CA PHE B 191 1.38 -21.01 9.66
C PHE B 191 0.42 -20.72 10.81
N TRP B 192 0.42 -21.63 11.79
CA TRP B 192 -0.18 -21.38 13.10
C TRP B 192 0.76 -21.93 14.17
N VAL B 193 0.74 -21.29 15.33
CA VAL B 193 1.73 -21.59 16.37
C VAL B 193 1.02 -21.98 17.65
N GLU B 194 1.72 -22.79 18.44
CA GLU B 194 1.27 -23.11 19.79
C GLU B 194 2.50 -23.39 20.64
N GLY B 195 2.39 -23.09 21.93
CA GLY B 195 3.46 -23.41 22.85
C GLY B 195 3.96 -22.18 23.57
N GLU B 196 5.14 -22.28 24.18
CA GLU B 196 5.66 -21.24 25.05
C GLU B 196 7.00 -20.73 24.54
N LEU B 197 7.16 -19.41 24.58
CA LEU B 197 8.43 -18.77 24.22
C LEU B 197 8.86 -17.82 25.33
N PRO B 198 9.67 -18.29 26.27
CA PRO B 198 10.49 -17.36 27.08
C PRO B 198 11.30 -16.47 26.17
N PHE B 199 11.30 -15.16 26.45
CA PHE B 199 11.92 -14.24 25.49
C PHE B 199 12.76 -13.21 26.24
N ASP B 200 13.73 -12.66 25.51
CA ASP B 200 14.66 -11.70 26.06
C ASP B 200 14.06 -10.31 26.11
N GLY B 201 13.44 -9.88 25.01
CA GLY B 201 12.75 -8.63 24.98
C GLY B 201 11.84 -8.61 23.78
N PHE B 202 11.14 -7.50 23.63
CA PHE B 202 10.24 -7.34 22.51
C PHE B 202 10.41 -5.94 21.92
N ILE B 203 9.92 -5.82 20.69
CA ILE B 203 9.91 -4.55 19.98
C ILE B 203 8.51 -4.36 19.41
N HIS B 204 8.22 -3.12 19.04
CA HIS B 204 6.89 -2.83 18.52
C HIS B 204 6.96 -1.72 17.48
N LEU B 205 6.20 -1.92 16.42
CA LEU B 205 6.22 -1.08 15.23
C LEU B 205 4.81 -0.54 15.05
N SER B 206 4.70 0.78 14.92
CA SER B 206 3.43 1.41 14.63
C SER B 206 3.54 2.22 13.34
N ASN B 207 2.50 2.15 12.51
CA ASN B 207 2.46 2.89 11.26
C ASN B 207 1.73 4.21 11.35
N SER B 208 1.23 4.59 12.53
CA SER B 208 0.56 5.86 12.66
C SER B 208 0.76 6.39 14.07
N ALA B 209 0.69 7.73 14.19
CA ALA B 209 0.78 8.36 15.51
C ALA B 209 -0.40 7.95 16.38
N ALA B 210 -1.59 7.85 15.79
CA ALA B 210 -2.77 7.48 16.56
C ALA B 210 -2.55 6.13 17.24
N LEU B 211 -2.05 5.15 16.49
CA LEU B 211 -1.82 3.83 17.06
C LEU B 211 -0.76 3.92 18.16
N LYS B 212 0.36 4.59 17.87
CA LYS B 212 1.46 4.65 18.83
C LYS B 212 1.01 5.31 20.13
N GLU B 213 0.21 6.37 20.05
CA GLU B 213 -0.27 7.04 21.25
C GLU B 213 -1.20 6.12 22.05
N ARG B 214 -2.13 5.43 21.36
CA ARG B 214 -3.08 4.58 22.06
C ARG B 214 -2.37 3.46 22.83
N TRP B 215 -1.33 2.89 22.25
CA TRP B 215 -0.65 1.76 22.85
C TRP B 215 0.58 2.14 23.66
N GLY B 216 1.05 3.38 23.55
CA GLY B 216 2.39 3.71 23.99
C GLY B 216 2.57 3.60 25.49
N GLY B 217 1.58 4.06 26.25
CA GLY B 217 1.69 3.97 27.70
C GLY B 217 1.85 2.54 28.17
N LEU B 219 2.70 -0.15 26.35
CA LEU B 219 3.87 -0.85 25.80
C LEU B 219 5.16 -0.30 26.38
N ASP B 220 5.19 0.97 26.76
CA ASP B 220 6.37 1.50 27.45
C ASP B 220 6.52 0.88 28.83
N GLU B 221 5.41 0.69 29.55
CA GLU B 221 5.46 -0.02 30.81
C GLU B 221 5.94 -1.45 30.61
N PHE B 222 5.38 -2.16 29.61
CA PHE B 222 5.84 -3.52 29.34
C PHE B 222 7.34 -3.56 29.09
N ARG B 224 9.69 -1.45 30.10
CA ARG B 224 10.38 -1.31 31.36
C ARG B 224 10.37 -2.60 32.16
N ARG B 225 9.22 -3.26 32.23
CA ARG B 225 9.12 -4.49 33.01
C ARG B 225 10.02 -5.58 32.42
N SER B 226 10.13 -5.63 31.09
CA SER B 226 10.85 -6.73 30.44
C SER B 226 12.33 -6.70 30.79
N ARG B 227 12.81 -5.56 31.30
CA ARG B 227 14.22 -5.45 31.63
C ARG B 227 14.59 -6.26 32.86
N GLU B 228 13.61 -6.65 33.66
CA GLU B 228 13.85 -7.54 34.80
C GLU B 228 13.91 -9.01 34.42
N GLY B 229 13.82 -9.34 33.12
CA GLY B 229 13.80 -10.74 32.73
C GLY B 229 12.47 -11.37 33.11
N ALA B 230 12.48 -12.71 33.20
CA ALA B 230 11.27 -13.47 33.47
C ALA B 230 10.14 -13.06 32.52
N ASN B 231 10.43 -13.13 31.23
CA ASN B 231 9.47 -12.81 30.19
C ASN B 231 9.07 -14.08 29.46
N LEU B 232 7.78 -14.19 29.16
CA LEU B 232 7.23 -15.36 28.49
C LEU B 232 5.98 -15.00 27.72
N VAL B 233 5.87 -15.53 26.49
CA VAL B 233 4.64 -15.42 25.71
C VAL B 233 4.20 -16.84 25.36
N ARG B 234 2.91 -17.11 25.54
CA ARG B 234 2.35 -18.43 25.30
C ARG B 234 1.23 -18.33 24.29
N PHE B 235 1.22 -19.26 23.34
CA PHE B 235 0.23 -19.31 22.28
C PHE B 235 -0.59 -20.58 22.39
N ALA B 236 -1.90 -20.43 22.22
CA ALA B 236 -2.84 -21.54 22.12
C ALA B 236 -3.63 -21.32 20.84
N ASP B 237 -3.57 -22.31 19.95
CA ASP B 237 -4.33 -22.25 18.69
C ASP B 237 -4.06 -20.94 17.95
N ASN B 238 -2.80 -20.55 17.92
CA ASN B 238 -2.28 -19.41 17.19
C ASN B 238 -2.52 -18.05 17.85
N VAL B 239 -3.05 -18.00 19.06
CA VAL B 239 -3.39 -16.76 19.75
C VAL B 239 -2.72 -16.75 21.11
N ILE B 240 -2.21 -15.59 21.51
CA ILE B 240 -1.65 -15.46 22.86
C ILE B 240 -2.72 -15.79 23.88
N ASP B 241 -2.41 -16.73 24.77
CA ASP B 241 -3.22 -16.95 25.96
C ASP B 241 -2.48 -16.61 27.25
N ARG B 242 -1.18 -16.28 27.19
CA ARG B 242 -0.51 -15.71 28.35
C ARG B 242 0.68 -14.88 27.90
N LEU B 243 0.80 -13.70 28.50
CA LEU B 243 1.98 -12.84 28.31
C LEU B 243 2.47 -12.42 29.69
N VAL B 244 3.73 -12.73 29.98
CA VAL B 244 4.37 -12.40 31.26
C VAL B 244 5.57 -11.55 30.93
N VAL B 245 5.72 -10.41 31.62
CA VAL B 245 6.92 -9.59 31.48
C VAL B 245 7.39 -9.19 32.87
N GLY B 246 8.69 -9.28 33.10
CA GLY B 246 9.25 -8.99 34.41
C GLY B 246 8.59 -9.80 35.50
N GLY B 247 8.20 -11.02 35.18
CA GLY B 247 7.61 -11.90 36.16
C GLY B 247 6.15 -11.64 36.47
N VAL B 248 5.52 -10.68 35.80
CA VAL B 248 4.14 -10.28 36.06
C VAL B 248 3.29 -10.61 34.85
N ASP B 249 2.13 -11.21 35.08
CA ASP B 249 1.19 -11.56 34.02
C ASP B 249 0.45 -10.31 33.57
N VAL B 250 0.58 -9.96 32.28
CA VAL B 250 -0.05 -8.77 31.73
C VAL B 250 -1.03 -9.11 30.61
N THR B 251 -1.50 -10.36 30.58
CA THR B 251 -2.33 -10.81 29.47
C THR B 251 -3.62 -10.02 29.35
N SER B 252 -4.25 -9.74 30.48
CA SER B 252 -5.53 -9.05 30.49
C SER B 252 -5.39 -7.65 29.91
N ALA B 253 -4.29 -6.96 30.23
CA ALA B 253 -4.08 -5.61 29.70
C ALA B 253 -3.92 -5.63 28.19
N LEU B 254 -3.12 -6.57 27.68
CA LEU B 254 -2.94 -6.69 26.25
C LEU B 254 -4.25 -7.07 25.55
N ALA B 255 -4.98 -8.02 26.13
CA ALA B 255 -6.24 -8.44 25.54
C ALA B 255 -7.22 -7.28 25.45
N GLY B 256 -7.21 -6.40 26.46
CA GLY B 256 -8.16 -5.31 26.48
C GLY B 256 -7.96 -4.32 25.35
N LEU B 257 -6.71 -4.05 24.97
CA LEU B 257 -6.48 -3.15 23.84
C LEU B 257 -6.59 -3.86 22.51
N SER B 258 -6.31 -5.17 22.48
CA SER B 258 -6.38 -5.94 21.26
C SER B 258 -7.81 -6.25 20.83
N GLN B 259 -8.75 -6.18 21.77
CA GLN B 259 -10.08 -6.74 21.52
C GLN B 259 -10.77 -6.05 20.36
N GLY B 260 -11.26 -6.84 19.41
CA GLY B 260 -11.98 -6.29 18.28
C GLY B 260 -11.12 -5.63 17.24
N GLU B 261 -9.79 -5.69 17.36
CA GLU B 261 -8.92 -5.06 16.37
C GLU B 261 -8.16 -6.12 15.59
N GLU B 262 -8.04 -5.90 14.28
CA GLU B 262 -7.28 -6.78 13.37
C GLU B 262 -7.63 -8.23 13.68
N ARG B 263 -6.64 -9.10 13.93
CA ARG B 263 -6.85 -10.49 14.31
C ARG B 263 -6.62 -10.73 15.79
N GLY B 264 -6.81 -9.70 16.60
CA GLY B 264 -6.52 -9.83 18.01
C GLY B 264 -5.08 -10.21 18.23
N ALA B 266 -3.55 -12.97 17.51
CA ALA B 266 -3.09 -14.04 16.63
C ALA B 266 -1.70 -13.75 16.07
N ALA B 267 -0.88 -14.78 15.97
CA ALA B 267 0.45 -14.64 15.40
C ALA B 267 0.34 -14.30 13.92
N THR B 268 1.09 -13.26 13.53
CA THR B 268 1.12 -12.78 12.16
C THR B 268 2.47 -13.00 11.49
N GLU B 269 3.51 -13.31 12.25
CA GLU B 269 4.84 -13.44 11.66
C GLU B 269 5.70 -14.28 12.57
N PHE B 270 6.59 -15.03 11.94
CA PHE B 270 7.53 -15.92 12.61
C PHE B 270 8.84 -15.80 11.86
N GLY B 271 9.94 -15.61 12.57
CA GLY B 271 11.19 -15.42 11.85
C GLY B 271 12.41 -15.79 12.65
N LEU B 272 13.54 -15.78 11.96
CA LEU B 272 14.83 -16.17 12.50
C LEU B 272 15.82 -15.05 12.23
N GLY B 273 16.57 -14.66 13.26
CA GLY B 273 17.63 -13.67 13.07
C GLY B 273 18.88 -14.33 12.50
N CYS B 274 19.42 -13.74 11.45
CA CYS B 274 20.50 -14.39 10.70
C CYS B 274 21.85 -13.69 10.81
N ALA B 275 21.95 -12.64 11.60
CA ALA B 275 23.19 -11.89 11.73
C ALA B 275 23.87 -12.16 13.07
N ASP B 276 25.13 -11.74 13.14
CA ASP B 276 25.91 -11.80 14.37
C ASP B 276 25.37 -10.79 15.37
N ALA B 277 26.07 -10.60 16.48
CA ALA B 277 25.63 -9.71 17.55
C ALA B 277 26.53 -8.49 17.72
N GLU B 278 27.40 -8.21 16.75
CA GLU B 278 28.30 -7.07 16.85
C GLU B 278 27.54 -5.76 16.99
N ALA B 279 27.90 -4.97 17.99
CA ALA B 279 27.26 -3.70 18.30
C ALA B 279 25.75 -3.83 18.50
N ALA B 280 25.28 -5.00 18.86
CA ALA B 280 23.87 -5.18 19.15
C ALA B 280 23.45 -4.31 20.33
N GLU B 281 22.28 -3.71 20.22
CA GLU B 281 21.71 -2.90 21.29
C GLU B 281 21.09 -3.78 22.36
N PRO B 282 20.98 -3.27 23.58
CA PRO B 282 20.35 -4.06 24.66
C PRO B 282 18.85 -4.17 24.49
N PHE B 283 18.30 -5.27 25.00
CA PHE B 283 16.86 -5.40 25.11
C PHE B 283 16.33 -4.41 26.14
N GLY B 284 15.06 -4.05 25.98
CA GLY B 284 14.43 -3.05 26.80
C GLY B 284 14.34 -1.66 26.17
N VAL B 285 14.96 -1.46 25.01
CA VAL B 285 14.71 -0.29 24.18
C VAL B 285 14.11 -0.78 22.86
N ASN B 286 13.34 0.08 22.21
CA ASN B 286 12.59 -0.32 21.02
C ASN B 286 13.43 -0.02 19.78
N SER B 287 14.26 -0.99 19.39
CA SER B 287 15.11 -0.89 18.22
C SER B 287 14.65 -1.86 17.13
N LEU B 288 14.50 -1.35 15.92
CA LEU B 288 14.08 -2.21 14.82
C LEU B 288 15.11 -3.26 14.45
N LEU B 289 16.33 -3.20 14.99
CA LEU B 289 17.36 -4.17 14.66
C LEU B 289 17.42 -5.36 15.63
N HIS B 290 16.58 -5.39 16.66
CA HIS B 290 16.72 -6.41 17.70
C HIS B 290 16.52 -7.82 17.16
N LYS B 291 15.77 -7.98 16.07
CA LYS B 291 15.48 -9.34 15.59
C LYS B 291 16.70 -9.96 14.93
N SER B 292 17.59 -9.14 14.41
CA SER B 292 18.62 -9.60 13.50
C SER B 292 19.70 -10.42 14.19
N ALA B 293 19.92 -10.21 15.48
CA ALA B 293 21.10 -10.73 16.15
C ALA B 293 20.94 -12.15 16.67
N GLY B 294 20.37 -13.05 15.88
CA GLY B 294 20.31 -14.46 16.23
C GLY B 294 19.01 -14.86 16.86
N GLY B 295 18.84 -16.17 17.00
CA GLY B 295 17.66 -16.70 17.63
C GLY B 295 16.42 -16.60 16.73
N ALA B 296 15.29 -16.35 17.36
CA ALA B 296 14.03 -16.45 16.64
C ALA B 296 13.03 -15.55 17.32
N TYR B 297 11.94 -15.26 16.61
CA TYR B 297 10.95 -14.34 17.12
C TYR B 297 9.58 -14.73 16.58
N ILE B 298 8.57 -14.37 17.36
CA ILE B 298 7.17 -14.51 17.00
C ILE B 298 6.50 -13.16 17.19
N GLY B 299 5.65 -12.79 16.23
CA GLY B 299 5.03 -11.48 16.25
C GLY B 299 3.51 -11.56 16.10
N ILE B 300 2.86 -10.55 16.68
CA ILE B 300 1.44 -10.33 16.46
C ILE B 300 1.25 -8.93 15.87
N GLY B 301 0.03 -8.67 15.44
CA GLY B 301 -0.35 -7.38 14.91
C GLY B 301 0.17 -7.10 13.51
N LYS B 302 -0.40 -6.06 12.91
CA LYS B 302 -0.02 -5.63 11.58
C LYS B 302 0.54 -4.21 11.55
N GLY B 303 0.61 -3.54 12.70
CA GLY B 303 1.01 -2.17 12.74
C GLY B 303 -0.04 -1.19 12.26
N LEU B 304 -1.30 -1.62 12.10
CA LEU B 304 -2.37 -0.75 11.62
C LEU B 304 -3.35 -0.38 12.71
N ARG B 305 -4.03 -1.35 13.32
CA ARG B 305 -4.82 -1.09 14.53
C ARG B 305 -4.27 -1.83 15.74
N ILE B 306 -3.30 -2.72 15.54
CA ILE B 306 -2.51 -3.32 16.61
C ILE B 306 -1.05 -3.10 16.17
N PRO B 307 -0.17 -2.61 17.05
CA PRO B 307 1.24 -2.50 16.65
C PRO B 307 1.77 -3.88 16.28
N HIS B 308 2.71 -3.93 15.35
CA HIS B 308 3.36 -5.20 15.08
C HIS B 308 4.37 -5.43 16.19
N ILE B 309 4.11 -6.40 17.07
CA ILE B 309 4.92 -6.63 18.26
C ILE B 309 5.65 -7.96 18.07
N ASP B 310 6.98 -7.94 18.16
CA ASP B 310 7.78 -9.15 18.05
C ASP B 310 8.45 -9.51 19.37
N PHE B 311 8.20 -10.75 19.84
CA PHE B 311 8.82 -11.30 21.04
C PHE B 311 10.06 -12.09 20.60
N ILE B 312 11.21 -11.71 21.13
CA ILE B 312 12.50 -12.15 20.58
C ILE B 312 13.24 -13.03 21.60
N ALA B 313 13.56 -14.27 21.19
CA ALA B 313 14.39 -15.18 21.98
C ALA B 313 15.74 -15.33 21.27
N ARG B 314 16.72 -14.53 21.69
CA ARG B 314 17.96 -14.42 20.93
C ARG B 314 18.77 -15.70 21.02
N GLY B 315 18.64 -16.45 22.12
CA GLY B 315 19.44 -17.65 22.29
C GLY B 315 18.70 -18.95 22.06
N ALA B 316 17.55 -18.88 21.39
CA ALA B 316 16.73 -20.05 21.15
C ALA B 316 17.45 -21.09 20.28
N THR B 317 17.15 -22.36 20.55
CA THR B 317 17.51 -23.46 19.67
C THR B 317 16.41 -23.62 18.62
N ILE B 318 16.81 -23.79 17.37
CA ILE B 318 15.87 -23.86 16.26
C ILE B 318 16.02 -25.22 15.59
N ARG B 319 14.89 -25.91 15.40
CA ARG B 319 14.86 -27.22 14.77
C ARG B 319 13.75 -27.20 13.72
N PHE B 320 14.11 -27.56 12.49
CA PHE B 320 13.17 -27.68 11.39
C PHE B 320 12.72 -29.12 11.27
N ILE B 321 11.46 -29.34 11.02
CA ILE B 321 10.92 -30.69 10.82
C ILE B 321 10.56 -30.85 9.36
N PRO B 322 11.21 -31.75 8.61
CA PRO B 322 11.12 -31.74 7.15
C PRO B 322 9.74 -32.10 6.65
N ALA B 323 9.45 -31.63 5.44
CA ALA B 323 8.25 -32.01 4.70
C ALA B 323 8.62 -33.04 3.63
#